data_1ICI
#
_entry.id   1ICI
#
_cell.length_a   65.410
_cell.length_b   94.540
_cell.length_c   93.780
_cell.angle_alpha   90.00
_cell.angle_beta   95.29
_cell.angle_gamma   90.00
#
_symmetry.space_group_name_H-M   'C 1 2 1'
#
loop_
_entity.id
_entity.type
_entity.pdbx_description
1 polymer 'TRANSCRIPTIONAL REGULATORY PROTEIN, SIR2 FAMILY'
2 non-polymer 'ZINC ION'
3 non-polymer NICOTINAMIDE-ADENINE-DINUCLEOTIDE
4 water water
#
_entity_poly.entity_id   1
_entity_poly.type   'polypeptide(L)'
_entity_poly.pdbx_seq_one_letter_code
;GSHHHHHHGSHMDEKLLKTIAESKYLVALTGAGVSAESGIPTFRGKDGLWNRYRPEELANPQAFAKDPEKVWKWYAWRME
KVFNAQPNKAHQAFAELERLGVLKCLITQNVDDLHERAGSRNVIHLHGSLRVVRCTSCNNSFEVESAPKIPPLPKCDKCG
SLLRPGVVWFGEMLPPDVLDRAMREVERADVIIVAGTSAVVQPAASLPLIVKQRGGAIIEINPDETPLTPIADYSLRGKA
GEVMDELVRHVRKALS
;
_entity_poly.pdbx_strand_id   A,B
#
loop_
_chem_comp.id
_chem_comp.type
_chem_comp.name
_chem_comp.formula
NAD non-polymer NICOTINAMIDE-ADENINE-DINUCLEOTIDE 'C21 H27 N7 O14 P2'
ZN non-polymer 'ZINC ION' 'Zn 2'
#
# COMPACT_ATOMS: atom_id res chain seq x y z
N GLY A 1 14.68 27.93 35.73
CA GLY A 1 15.29 27.44 37.02
C GLY A 1 14.44 27.68 38.26
N SER A 2 15.02 27.46 39.44
CA SER A 2 14.30 27.67 40.69
C SER A 2 14.14 29.17 40.94
N HIS A 3 14.96 29.97 40.26
CA HIS A 3 14.91 31.42 40.34
C HIS A 3 14.27 31.95 39.06
N HIS A 4 13.80 31.02 38.22
CA HIS A 4 13.16 31.42 36.96
C HIS A 4 11.86 30.64 36.76
N HIS A 5 11.09 30.49 37.83
CA HIS A 5 9.85 29.76 37.72
C HIS A 5 8.86 30.45 36.78
N HIS A 6 8.26 29.63 35.93
CA HIS A 6 7.23 30.11 35.03
C HIS A 6 6.04 29.32 35.57
N HIS A 7 4.93 30.00 35.82
CA HIS A 7 3.77 29.29 36.36
C HIS A 7 2.66 29.11 35.35
N HIS A 8 2.05 27.94 35.44
CA HIS A 8 0.99 27.54 34.54
C HIS A 8 -0.26 27.14 35.31
N GLY A 9 -1.40 27.23 34.63
CA GLY A 9 -2.64 26.80 35.24
C GLY A 9 -2.50 25.29 35.32
N SER A 10 -3.10 24.67 36.33
CA SER A 10 -3.00 23.24 36.49
C SER A 10 -4.38 22.58 36.61
N HIS A 11 -5.43 23.34 36.32
CA HIS A 11 -6.78 22.80 36.44
C HIS A 11 -7.64 23.10 35.23
N MET A 12 -8.76 22.39 35.17
CA MET A 12 -9.76 22.57 34.14
C MET A 12 -10.59 23.73 34.64
N ASP A 13 -10.06 24.94 34.55
CA ASP A 13 -10.81 26.10 35.01
C ASP A 13 -11.53 26.73 33.82
N GLU A 14 -12.21 27.84 34.06
CA GLU A 14 -12.95 28.48 32.98
C GLU A 14 -12.08 29.14 31.92
N LYS A 15 -10.92 29.64 32.32
CA LYS A 15 -10.04 30.26 31.33
C LYS A 15 -9.51 29.22 30.34
N LEU A 16 -9.17 28.05 30.84
CA LEU A 16 -8.67 26.98 29.98
C LEU A 16 -9.73 26.60 28.96
N LEU A 17 -10.92 26.32 29.46
CA LEU A 17 -12.03 25.94 28.61
C LEU A 17 -12.32 27.05 27.61
N LYS A 18 -12.18 28.30 28.06
CA LYS A 18 -12.43 29.42 27.18
C LYS A 18 -11.37 29.46 26.07
N THR A 19 -10.13 29.15 26.41
CA THR A 19 -9.05 29.17 25.43
C THR A 19 -9.29 28.10 24.34
N ILE A 20 -9.76 26.93 24.74
CA ILE A 20 -10.02 25.86 23.77
C ILE A 20 -11.27 26.13 22.95
N ALA A 21 -12.33 26.57 23.62
CA ALA A 21 -13.59 26.84 22.94
C ALA A 21 -13.51 28.02 21.98
N GLU A 22 -12.74 29.03 22.35
CA GLU A 22 -12.63 30.22 21.51
C GLU A 22 -11.45 30.25 20.56
N SER A 23 -10.71 29.16 20.49
CA SER A 23 -9.55 29.09 19.60
C SER A 23 -9.98 29.16 18.14
N LYS A 24 -9.18 29.80 17.31
CA LYS A 24 -9.51 29.89 15.90
C LYS A 24 -8.85 28.76 15.11
N TYR A 25 -7.79 28.19 15.66
CA TYR A 25 -7.10 27.11 14.97
C TYR A 25 -6.30 26.25 15.94
N LEU A 26 -7.02 25.39 16.65
CA LEU A 26 -6.45 24.49 17.64
C LEU A 26 -5.93 23.20 16.99
N VAL A 27 -4.72 22.79 17.36
CA VAL A 27 -4.13 21.54 16.84
C VAL A 27 -3.64 20.75 18.04
N ALA A 28 -3.24 19.50 17.80
CA ALA A 28 -2.75 18.65 18.88
C ALA A 28 -1.49 17.89 18.47
N LEU A 29 -0.65 17.59 19.45
CA LEU A 29 0.57 16.81 19.25
C LEU A 29 0.53 15.70 20.29
N THR A 30 0.49 14.45 19.86
CA THR A 30 0.44 13.36 20.81
C THR A 30 1.67 12.46 20.80
N GLY A 31 1.94 11.86 21.97
CA GLY A 31 3.06 10.95 22.13
C GLY A 31 2.51 9.61 22.59
N ALA A 32 3.39 8.64 22.82
CA ALA A 32 2.98 7.29 23.21
C ALA A 32 2.07 7.19 24.42
N GLY A 33 2.10 8.21 25.28
CA GLY A 33 1.28 8.16 26.48
C GLY A 33 -0.21 8.15 26.21
N VAL A 34 -0.59 8.67 25.05
CA VAL A 34 -1.97 8.76 24.63
C VAL A 34 -2.60 7.36 24.32
N SER A 35 -1.74 6.37 24.12
CA SER A 35 -2.21 5.01 23.83
C SER A 35 -1.96 4.08 25.01
N ALA A 36 -1.24 4.57 26.02
CA ALA A 36 -0.97 3.72 27.18
C ALA A 36 -2.27 3.10 27.73
N GLU A 37 -3.37 3.86 27.66
CA GLU A 37 -4.62 3.36 28.19
C GLU A 37 -5.37 2.44 27.23
N SER A 38 -4.72 2.06 26.13
CA SER A 38 -5.32 1.14 25.17
C SER A 38 -4.63 -0.21 25.26
N GLY A 39 -3.67 -0.32 26.19
CA GLY A 39 -2.93 -1.55 26.34
C GLY A 39 -1.55 -1.49 25.69
N ILE A 40 -1.16 -0.32 25.18
CA ILE A 40 0.14 -0.16 24.54
C ILE A 40 1.03 0.66 25.45
N PRO A 41 1.78 -0.01 26.35
CA PRO A 41 2.63 0.73 27.27
C PRO A 41 3.73 1.55 26.61
N THR A 42 4.17 2.59 27.31
CA THR A 42 5.27 3.39 26.84
C THR A 42 6.41 2.42 27.16
N PHE A 43 7.54 2.49 26.45
CA PHE A 43 8.63 1.54 26.70
C PHE A 43 9.49 1.79 27.93
N ARG A 44 9.50 3.03 28.41
CA ARG A 44 10.28 3.38 29.59
C ARG A 44 11.69 2.82 29.54
N GLY A 45 12.32 2.84 28.37
CA GLY A 45 13.68 2.36 28.26
C GLY A 45 13.94 0.89 27.97
N LYS A 46 12.89 0.06 27.98
CA LYS A 46 13.04 -1.38 27.71
C LYS A 46 12.19 -1.76 26.50
N ASP A 47 12.71 -2.68 25.68
CA ASP A 47 12.02 -3.10 24.46
C ASP A 47 10.68 -3.78 24.71
N GLY A 48 10.44 -4.20 25.94
CA GLY A 48 9.17 -4.84 26.27
C GLY A 48 8.95 -6.28 25.83
N LEU A 49 9.84 -6.80 25.00
CA LEU A 49 9.71 -8.17 24.49
C LEU A 49 10.78 -9.06 25.12
N TRP A 50 12.06 -8.76 24.86
CA TRP A 50 13.17 -9.52 25.44
C TRP A 50 13.59 -8.76 26.70
N ASN A 51 13.31 -7.46 26.70
CA ASN A 51 13.65 -6.56 27.78
C ASN A 51 15.14 -6.44 28.08
N ARG A 52 15.96 -6.39 27.05
CA ARG A 52 17.39 -6.18 27.24
C ARG A 52 17.87 -4.99 26.42
N TYR A 53 17.01 -4.45 25.57
CA TYR A 53 17.39 -3.30 24.73
C TYR A 53 16.58 -2.04 24.98
N ARG A 54 17.22 -0.89 24.80
CA ARG A 54 16.49 0.37 24.91
C ARG A 54 15.79 0.33 23.56
N PRO A 55 14.57 0.86 23.47
CA PRO A 55 13.89 0.81 22.16
C PRO A 55 14.78 1.28 20.99
N GLU A 56 15.49 2.37 21.20
CA GLU A 56 16.37 2.95 20.18
C GLU A 56 17.41 1.99 19.58
N GLU A 57 17.72 0.89 20.28
CA GLU A 57 18.70 -0.07 19.78
C GLU A 57 18.09 -0.97 18.72
N LEU A 58 16.77 -0.99 18.64
CA LEU A 58 16.09 -1.83 17.66
C LEU A 58 15.44 -0.99 16.55
N ALA A 59 14.89 0.17 16.92
CA ALA A 59 14.24 1.07 15.96
C ALA A 59 15.38 1.90 15.40
N ASN A 60 16.23 1.23 14.64
CA ASN A 60 17.42 1.84 14.11
C ASN A 60 17.80 1.15 12.81
N PRO A 61 18.22 1.91 11.78
CA PRO A 61 18.59 1.31 10.50
C PRO A 61 19.82 0.38 10.59
N GLN A 62 20.81 0.77 11.39
CA GLN A 62 22.00 -0.07 11.56
C GLN A 62 21.57 -1.42 12.15
N ALA A 63 20.80 -1.37 13.24
CA ALA A 63 20.32 -2.58 13.89
C ALA A 63 19.51 -3.43 12.90
N PHE A 64 18.66 -2.78 12.10
CA PHE A 64 17.86 -3.52 11.13
C PHE A 64 18.77 -4.18 10.07
N ALA A 65 19.76 -3.42 9.63
CA ALA A 65 20.70 -3.92 8.63
C ALA A 65 21.43 -5.13 9.20
N LYS A 66 21.85 -5.02 10.45
CA LYS A 66 22.60 -6.11 11.08
C LYS A 66 21.75 -7.36 11.35
N ASP A 67 20.54 -7.19 11.86
CA ASP A 67 19.68 -8.34 12.15
C ASP A 67 18.21 -8.06 11.82
N PRO A 68 17.84 -8.09 10.53
CA PRO A 68 16.46 -7.85 10.07
C PRO A 68 15.44 -8.73 10.80
N GLU A 69 15.81 -9.96 11.11
CA GLU A 69 14.88 -10.87 11.77
C GLU A 69 14.53 -10.43 13.19
N LYS A 70 15.52 -9.96 13.94
CA LYS A 70 15.25 -9.52 15.30
C LYS A 70 14.37 -8.26 15.27
N VAL A 71 14.80 -7.25 14.53
CA VAL A 71 14.02 -6.03 14.46
C VAL A 71 12.60 -6.31 13.95
N TRP A 72 12.46 -7.25 13.01
CA TRP A 72 11.12 -7.61 12.48
C TRP A 72 10.31 -8.41 13.52
N LYS A 73 11.00 -9.21 14.33
CA LYS A 73 10.29 -9.94 15.36
C LYS A 73 9.70 -8.93 16.33
N TRP A 74 10.45 -7.87 16.61
CA TRP A 74 9.97 -6.85 17.53
C TRP A 74 8.76 -6.11 16.94
N TYR A 75 8.89 -5.64 15.71
CA TYR A 75 7.78 -4.93 15.08
C TYR A 75 6.55 -5.77 14.83
N ALA A 76 6.70 -7.07 14.55
CA ALA A 76 5.51 -7.90 14.33
C ALA A 76 4.79 -8.04 15.67
N TRP A 77 5.54 -8.12 16.75
CA TRP A 77 4.98 -8.22 18.08
C TRP A 77 4.25 -6.91 18.36
N ARG A 78 4.89 -5.76 18.11
CA ARG A 78 4.21 -4.48 18.35
C ARG A 78 2.95 -4.38 17.49
N MET A 79 3.09 -4.71 16.21
CA MET A 79 1.99 -4.65 15.28
C MET A 79 0.77 -5.44 15.76
N GLU A 80 0.97 -6.71 16.07
CA GLU A 80 -0.14 -7.52 16.53
C GLU A 80 -0.86 -6.91 17.75
N LYS A 81 -0.09 -6.42 18.71
CA LYS A 81 -0.71 -5.82 19.89
C LYS A 81 -1.46 -4.52 19.53
N VAL A 82 -0.89 -3.71 18.66
CA VAL A 82 -1.57 -2.48 18.28
C VAL A 82 -2.87 -2.81 17.54
N PHE A 83 -2.77 -3.66 16.53
CA PHE A 83 -3.93 -4.06 15.72
C PHE A 83 -5.06 -4.66 16.56
N ASN A 84 -4.71 -5.30 17.68
CA ASN A 84 -5.73 -5.90 18.53
C ASN A 84 -6.17 -4.97 19.65
N ALA A 85 -5.50 -3.84 19.78
CA ALA A 85 -5.82 -2.87 20.81
C ALA A 85 -7.04 -2.03 20.38
N GLN A 86 -7.63 -1.32 21.33
CA GLN A 86 -8.78 -0.49 21.02
C GLN A 86 -8.53 0.99 21.40
N PRO A 87 -9.09 1.93 20.63
CA PRO A 87 -8.88 3.34 20.98
C PRO A 87 -9.41 3.61 22.39
N ASN A 88 -8.72 4.41 23.19
CA ASN A 88 -9.21 4.68 24.55
C ASN A 88 -10.00 5.99 24.58
N LYS A 89 -10.40 6.42 25.78
CA LYS A 89 -11.14 7.66 25.92
C LYS A 89 -10.41 8.88 25.35
N ALA A 90 -9.08 8.90 25.41
CA ALA A 90 -8.32 10.02 24.87
C ALA A 90 -8.49 10.07 23.35
N HIS A 91 -8.25 8.93 22.68
CA HIS A 91 -8.41 8.84 21.24
C HIS A 91 -9.79 9.30 20.80
N GLN A 92 -10.80 8.82 21.49
CA GLN A 92 -12.17 9.17 21.19
C GLN A 92 -12.41 10.66 21.41
N ALA A 93 -11.88 11.18 22.52
CA ALA A 93 -12.02 12.59 22.82
C ALA A 93 -11.36 13.44 21.71
N PHE A 94 -10.20 13.02 21.21
CA PHE A 94 -9.58 13.80 20.15
C PHE A 94 -10.45 13.78 18.91
N ALA A 95 -10.99 12.61 18.57
CA ALA A 95 -11.86 12.47 17.41
C ALA A 95 -13.09 13.40 17.60
N GLU A 96 -13.68 13.36 18.79
CA GLU A 96 -14.85 14.18 19.14
C GLU A 96 -14.59 15.66 18.90
N LEU A 97 -13.48 16.15 19.46
CA LEU A 97 -13.10 17.55 19.35
C LEU A 97 -12.91 17.93 17.87
N GLU A 98 -12.55 16.95 17.04
CA GLU A 98 -12.38 17.23 15.62
C GLU A 98 -13.76 17.28 14.96
N ARG A 99 -14.64 16.39 15.41
CA ARG A 99 -15.99 16.32 14.90
C ARG A 99 -16.65 17.68 15.18
N LEU A 100 -16.39 18.19 16.39
CA LEU A 100 -16.94 19.47 16.83
C LEU A 100 -16.36 20.68 16.09
N GLY A 101 -15.45 20.44 15.16
CA GLY A 101 -14.85 21.53 14.40
C GLY A 101 -13.81 22.35 15.13
N VAL A 102 -13.54 22.03 16.38
CA VAL A 102 -12.55 22.76 17.17
C VAL A 102 -11.12 22.33 16.84
N LEU A 103 -10.85 21.02 16.89
CA LEU A 103 -9.52 20.49 16.57
C LEU A 103 -9.35 20.45 15.05
N LYS A 104 -8.36 21.19 14.55
CA LYS A 104 -8.12 21.28 13.11
C LYS A 104 -7.23 20.21 12.52
N CYS A 105 -6.28 19.73 13.31
CA CYS A 105 -5.33 18.74 12.82
C CYS A 105 -4.62 18.09 14.00
N LEU A 106 -4.36 16.81 13.88
CA LEU A 106 -3.71 16.08 14.95
C LEU A 106 -2.38 15.55 14.41
N ILE A 107 -1.28 15.98 15.04
CA ILE A 107 0.04 15.53 14.66
C ILE A 107 0.41 14.53 15.73
N THR A 108 0.83 13.34 15.31
CA THR A 108 1.17 12.33 16.30
C THR A 108 2.54 11.73 16.02
N GLN A 109 3.22 11.35 17.10
CA GLN A 109 4.52 10.73 17.00
C GLN A 109 4.27 9.22 17.05
N ASN A 110 3.04 8.84 17.43
CA ASN A 110 2.73 7.42 17.55
C ASN A 110 2.68 6.70 16.22
N VAL A 111 3.07 5.44 16.24
CA VAL A 111 3.05 4.63 15.02
C VAL A 111 1.84 3.69 15.06
N ASP A 112 1.03 3.83 16.11
CA ASP A 112 -0.17 3.01 16.18
C ASP A 112 -1.22 3.74 15.33
N ASP A 113 -2.34 3.07 15.08
CA ASP A 113 -3.42 3.65 14.27
C ASP A 113 -4.67 3.89 15.13
N LEU A 114 -4.48 4.12 16.42
CA LEU A 114 -5.63 4.32 17.30
C LEU A 114 -6.37 5.66 17.12
N HIS A 115 -5.70 6.70 16.61
CA HIS A 115 -6.37 7.99 16.38
C HIS A 115 -7.34 7.83 15.21
N GLU A 116 -6.87 7.14 14.18
CA GLU A 116 -7.65 6.86 12.98
C GLU A 116 -8.84 6.00 13.39
N ARG A 117 -8.58 4.89 14.06
CA ARG A 117 -9.67 4.01 14.45
C ARG A 117 -10.69 4.64 15.40
N ALA A 118 -10.31 5.73 16.06
CA ALA A 118 -11.23 6.42 16.96
C ALA A 118 -12.12 7.31 16.07
N GLY A 119 -11.69 7.54 14.84
CA GLY A 119 -12.45 8.37 13.94
C GLY A 119 -11.80 9.68 13.53
N SER A 120 -10.58 9.92 14.01
CA SER A 120 -9.87 11.16 13.64
C SER A 120 -9.55 11.12 12.15
N ARG A 121 -9.97 12.14 11.43
CA ARG A 121 -9.76 12.24 9.99
C ARG A 121 -8.43 12.85 9.59
N ASN A 122 -8.11 13.98 10.21
CA ASN A 122 -6.91 14.72 9.88
C ASN A 122 -5.73 14.41 10.82
N VAL A 123 -5.00 13.34 10.49
CA VAL A 123 -3.88 12.92 11.30
C VAL A 123 -2.57 12.90 10.51
N ILE A 124 -1.54 13.50 11.09
CA ILE A 124 -0.24 13.50 10.44
C ILE A 124 0.66 12.58 11.25
N HIS A 125 1.20 11.54 10.60
CA HIS A 125 2.10 10.61 11.28
C HIS A 125 3.54 11.07 11.10
N LEU A 126 4.02 11.84 12.06
CA LEU A 126 5.35 12.40 12.02
C LEU A 126 6.42 11.32 11.94
N HIS A 127 6.19 10.18 12.59
CA HIS A 127 7.15 9.11 12.59
C HIS A 127 6.69 7.84 11.89
N GLY A 128 5.82 7.99 10.89
CA GLY A 128 5.34 6.82 10.18
C GLY A 128 4.26 6.02 10.90
N SER A 129 4.06 4.79 10.45
CA SER A 129 3.02 3.96 11.02
C SER A 129 3.27 2.45 10.91
N LEU A 130 2.82 1.72 11.92
CA LEU A 130 2.93 0.26 11.98
C LEU A 130 2.03 -0.38 10.96
N ARG A 131 1.06 0.38 10.44
CA ARG A 131 0.14 -0.13 9.42
C ARG A 131 0.81 -0.22 8.07
N VAL A 132 1.87 0.54 7.89
CA VAL A 132 2.56 0.56 6.62
C VAL A 132 3.73 -0.37 6.60
N VAL A 133 3.88 -1.08 5.49
CA VAL A 133 5.01 -1.95 5.29
C VAL A 133 5.55 -1.41 3.96
N ARG A 134 6.85 -1.12 3.91
CA ARG A 134 7.46 -0.59 2.69
C ARG A 134 8.79 -1.26 2.37
N CYS A 135 9.21 -1.16 1.12
CA CYS A 135 10.45 -1.79 0.70
C CYS A 135 11.69 -1.00 1.11
N THR A 136 12.75 -1.73 1.44
CA THR A 136 14.02 -1.12 1.82
C THR A 136 14.77 -0.67 0.57
N SER A 137 14.34 -1.16 -0.59
CA SER A 137 15.06 -0.87 -1.83
C SER A 137 14.35 -0.03 -2.88
N CYS A 138 13.12 -0.38 -3.25
CA CYS A 138 12.35 0.39 -4.22
C CYS A 138 11.30 1.20 -3.44
N ASN A 139 10.41 1.92 -4.14
CA ASN A 139 9.39 2.74 -3.49
C ASN A 139 8.09 2.03 -3.12
N ASN A 140 8.02 0.74 -3.36
CA ASN A 140 6.83 -0.03 -3.06
C ASN A 140 6.39 0.21 -1.60
N SER A 141 5.12 0.53 -1.39
CA SER A 141 4.57 0.78 -0.06
C SER A 141 3.09 0.36 -0.01
N PHE A 142 2.68 -0.23 1.11
CA PHE A 142 1.30 -0.68 1.26
C PHE A 142 0.92 -0.88 2.71
N GLU A 143 -0.37 -0.97 2.99
CA GLU A 143 -0.83 -1.16 4.35
C GLU A 143 -1.26 -2.60 4.62
N VAL A 144 -1.05 -3.06 5.85
CA VAL A 144 -1.39 -4.43 6.21
C VAL A 144 -2.53 -4.54 7.21
N GLU A 145 -3.29 -5.62 7.11
CA GLU A 145 -4.40 -5.83 8.03
C GLU A 145 -3.95 -6.57 9.28
N SER A 146 -2.85 -7.30 9.18
CA SER A 146 -2.34 -8.06 10.33
C SER A 146 -0.82 -8.15 10.35
N ALA A 147 -0.28 -8.55 11.51
CA ALA A 147 1.15 -8.70 11.66
C ALA A 147 1.62 -9.89 10.85
N PRO A 148 2.79 -9.79 10.23
CA PRO A 148 3.33 -10.88 9.42
C PRO A 148 3.99 -11.91 10.31
N LYS A 149 3.94 -13.18 9.93
CA LYS A 149 4.57 -14.22 10.73
C LYS A 149 6.04 -14.15 10.32
N ILE A 150 6.92 -13.91 11.28
CA ILE A 150 8.34 -13.79 10.94
C ILE A 150 9.20 -15.06 10.82
N PRO A 151 8.61 -16.19 10.37
CA PRO A 151 9.60 -17.25 10.29
C PRO A 151 10.43 -16.77 9.10
N PRO A 152 9.76 -16.32 8.01
CA PRO A 152 10.49 -15.81 6.84
C PRO A 152 10.42 -14.28 6.78
N LEU A 153 11.51 -13.64 6.38
CA LEU A 153 11.51 -12.18 6.26
C LEU A 153 10.62 -11.81 5.08
N PRO A 154 9.77 -10.77 5.24
CA PRO A 154 8.88 -10.30 4.18
C PRO A 154 9.73 -9.73 3.06
N LYS A 155 9.44 -10.09 1.83
CA LYS A 155 10.19 -9.61 0.68
C LYS A 155 9.28 -8.91 -0.32
N CYS A 156 9.78 -7.81 -0.88
CA CYS A 156 9.03 -7.00 -1.85
C CYS A 156 8.69 -7.78 -3.14
N ASP A 157 7.43 -7.75 -3.55
CA ASP A 157 7.04 -8.46 -4.77
C ASP A 157 7.31 -7.65 -6.05
N LYS A 158 7.99 -6.51 -5.90
CA LYS A 158 8.36 -5.68 -7.05
C LYS A 158 9.85 -5.80 -7.37
N CYS A 159 10.70 -5.75 -6.32
CA CYS A 159 12.15 -5.83 -6.53
C CYS A 159 12.84 -6.97 -5.80
N GLY A 160 12.05 -7.79 -5.10
CA GLY A 160 12.60 -8.91 -4.36
C GLY A 160 13.35 -8.56 -3.09
N SER A 161 13.50 -7.27 -2.79
CA SER A 161 14.24 -6.88 -1.59
C SER A 161 13.47 -7.02 -0.26
N LEU A 162 14.19 -6.75 0.82
CA LEU A 162 13.62 -6.84 2.14
C LEU A 162 12.62 -5.72 2.41
N LEU A 163 11.48 -6.09 2.94
CA LEU A 163 10.49 -5.08 3.30
C LEU A 163 10.81 -4.69 4.75
N ARG A 164 10.30 -3.54 5.19
CA ARG A 164 10.54 -3.04 6.53
C ARG A 164 9.30 -2.30 7.02
N PRO A 165 9.21 -2.06 8.35
CA PRO A 165 8.07 -1.34 8.95
C PRO A 165 8.08 0.09 8.37
N GLY A 166 6.92 0.65 8.09
CA GLY A 166 6.87 1.99 7.52
C GLY A 166 6.96 3.10 8.55
N VAL A 167 7.93 2.99 9.44
CA VAL A 167 8.11 4.00 10.48
C VAL A 167 9.46 4.69 10.27
N VAL A 168 9.63 5.84 10.93
CA VAL A 168 10.86 6.61 10.84
C VAL A 168 11.73 6.27 12.04
N TRP A 169 12.93 5.77 11.79
CA TRP A 169 13.82 5.44 12.90
C TRP A 169 14.80 6.57 13.16
N PHE A 170 15.51 6.50 14.28
CA PHE A 170 16.48 7.56 14.54
C PHE A 170 17.61 7.39 13.55
N GLY A 171 18.06 8.52 13.01
CA GLY A 171 19.11 8.48 12.02
C GLY A 171 18.49 8.61 10.65
N GLU A 172 17.15 8.60 10.59
CA GLU A 172 16.47 8.71 9.30
C GLU A 172 15.73 10.03 9.15
N MET A 173 15.76 10.60 7.95
CA MET A 173 15.06 11.85 7.67
C MET A 173 13.56 11.59 7.70
N LEU A 174 12.78 12.57 8.15
CA LEU A 174 11.33 12.37 8.13
C LEU A 174 10.94 12.58 6.67
N PRO A 175 9.72 12.16 6.28
CA PRO A 175 9.31 12.36 4.89
C PRO A 175 9.14 13.88 4.74
N PRO A 176 9.77 14.47 3.72
CA PRO A 176 9.65 15.91 3.53
C PRO A 176 8.24 16.48 3.53
N ASP A 177 7.32 15.82 2.84
CA ASP A 177 5.96 16.32 2.77
C ASP A 177 5.31 16.29 4.13
N VAL A 178 5.56 15.22 4.89
CA VAL A 178 5.00 15.08 6.21
C VAL A 178 5.48 16.21 7.10
N LEU A 179 6.80 16.45 7.09
CA LEU A 179 7.37 17.50 7.89
C LEU A 179 6.76 18.84 7.50
N ASP A 180 6.79 19.15 6.21
CA ASP A 180 6.23 20.40 5.71
C ASP A 180 4.81 20.61 6.24
N ARG A 181 3.94 19.62 6.05
CA ARG A 181 2.56 19.70 6.54
C ARG A 181 2.50 20.04 8.03
N ALA A 182 3.30 19.35 8.84
CA ALA A 182 3.30 19.59 10.28
C ALA A 182 3.70 21.03 10.63
N MET A 183 4.73 21.53 9.96
CA MET A 183 5.19 22.89 10.19
C MET A 183 4.10 23.90 9.86
N ARG A 184 3.52 23.78 8.67
CA ARG A 184 2.47 24.72 8.27
C ARG A 184 1.30 24.69 9.22
N GLU A 185 0.98 23.51 9.75
CA GLU A 185 -0.12 23.41 10.68
C GLU A 185 0.18 24.19 11.97
N VAL A 186 1.35 23.99 12.60
CA VAL A 186 1.63 24.73 13.82
C VAL A 186 1.92 26.21 13.60
N GLU A 187 2.38 26.56 12.41
CA GLU A 187 2.66 27.97 12.13
C GLU A 187 1.35 28.71 11.97
N ARG A 188 0.27 27.92 11.88
CA ARG A 188 -1.07 28.36 11.66
C ARG A 188 -1.90 28.33 12.95
N ALA A 189 -1.43 27.55 13.95
CA ALA A 189 -2.14 27.35 15.22
C ALA A 189 -2.05 28.41 16.30
N ASP A 190 -3.19 28.71 16.91
CA ASP A 190 -3.23 29.70 17.99
C ASP A 190 -3.25 28.98 19.32
N VAL A 191 -3.59 27.69 19.29
CA VAL A 191 -3.61 26.87 20.50
C VAL A 191 -3.14 25.47 20.13
N ILE A 192 -2.45 24.80 21.04
CA ILE A 192 -1.99 23.43 20.80
C ILE A 192 -2.03 22.56 22.05
N ILE A 193 -2.68 21.41 21.94
CA ILE A 193 -2.74 20.47 23.05
C ILE A 193 -1.60 19.48 22.82
N VAL A 194 -0.73 19.34 23.82
CA VAL A 194 0.41 18.42 23.75
C VAL A 194 0.19 17.35 24.81
N ALA A 195 -0.23 16.17 24.37
CA ALA A 195 -0.56 15.11 25.32
C ALA A 195 0.19 13.79 25.18
N GLY A 196 0.60 13.24 26.31
CA GLY A 196 1.28 11.97 26.29
C GLY A 196 2.65 11.93 25.65
N THR A 197 3.40 13.03 25.67
CA THR A 197 4.75 12.99 25.11
C THR A 197 5.83 13.51 26.08
N SER A 198 6.97 12.82 26.09
CA SER A 198 8.07 13.21 26.96
C SER A 198 8.76 14.51 26.54
N ALA A 199 8.39 15.05 25.37
CA ALA A 199 8.92 16.31 24.87
C ALA A 199 10.45 16.42 24.80
N VAL A 200 11.09 15.35 24.35
CA VAL A 200 12.52 15.34 24.22
C VAL A 200 12.93 14.99 22.78
N VAL A 201 12.25 14.02 22.18
CA VAL A 201 12.59 13.64 20.81
C VAL A 201 12.25 14.76 19.83
N GLN A 202 13.24 15.12 19.01
CA GLN A 202 13.12 16.17 18.00
C GLN A 202 12.85 15.62 16.59
N PRO A 203 12.27 16.44 15.70
CA PRO A 203 11.86 17.83 15.90
C PRO A 203 10.46 18.01 16.49
N ALA A 204 9.79 16.90 16.77
CA ALA A 204 8.45 16.93 17.35
C ALA A 204 8.41 17.79 18.60
N ALA A 205 9.44 17.67 19.44
CA ALA A 205 9.50 18.43 20.68
C ALA A 205 9.48 19.92 20.44
N SER A 206 9.96 20.35 19.27
CA SER A 206 10.01 21.77 18.94
C SER A 206 8.72 22.36 18.37
N LEU A 207 7.86 21.53 17.82
CA LEU A 207 6.62 22.03 17.23
C LEU A 207 5.84 22.94 18.17
N PRO A 208 5.72 22.58 19.45
CA PRO A 208 4.97 23.48 20.34
C PRO A 208 5.66 24.85 20.49
N LEU A 209 6.97 24.91 20.26
CA LEU A 209 7.70 26.17 20.37
C LEU A 209 7.24 27.16 19.32
N ILE A 210 6.99 26.65 18.12
CA ILE A 210 6.53 27.49 17.02
C ILE A 210 5.21 28.17 17.37
N VAL A 211 4.25 27.40 17.89
CA VAL A 211 2.96 27.94 18.28
C VAL A 211 3.21 29.04 19.30
N LYS A 212 4.04 28.71 20.29
CA LYS A 212 4.39 29.64 21.36
C LYS A 212 4.95 30.98 20.85
N GLN A 213 5.97 30.91 20.00
CA GLN A 213 6.60 32.10 19.44
C GLN A 213 5.68 32.97 18.61
N ARG A 214 4.62 32.39 18.05
CA ARG A 214 3.71 33.16 17.26
C ARG A 214 2.54 33.67 18.08
N GLY A 215 2.68 33.60 19.41
CA GLY A 215 1.64 34.09 20.30
C GLY A 215 0.56 33.13 20.73
N GLY A 216 0.67 31.86 20.32
CA GLY A 216 -0.35 30.88 20.67
C GLY A 216 -0.15 30.32 22.06
N ALA A 217 -1.13 29.55 22.52
CA ALA A 217 -1.07 28.96 23.86
C ALA A 217 -0.70 27.48 23.80
N ILE A 218 -0.06 26.99 24.84
CA ILE A 218 0.30 25.58 24.92
C ILE A 218 -0.45 24.93 26.08
N ILE A 219 -1.13 23.82 25.80
CA ILE A 219 -1.87 23.11 26.83
C ILE A 219 -1.30 21.70 26.92
N GLU A 220 -0.48 21.47 27.93
CA GLU A 220 0.14 20.17 28.10
C GLU A 220 -0.64 19.26 29.03
N ILE A 221 -0.74 17.98 28.65
CA ILE A 221 -1.42 16.98 29.46
C ILE A 221 -0.44 15.83 29.65
N ASN A 222 0.07 15.68 30.88
CA ASN A 222 1.05 14.63 31.16
C ASN A 222 1.11 14.38 32.65
N PRO A 223 1.18 13.11 33.05
CA PRO A 223 1.25 12.82 34.48
C PRO A 223 2.63 13.23 35.00
N ASP A 224 3.53 13.56 34.08
CA ASP A 224 4.89 14.00 34.43
C ASP A 224 5.15 15.40 33.90
N GLU A 225 6.13 16.08 34.48
CA GLU A 225 6.51 17.40 33.98
C GLU A 225 7.56 17.06 32.91
N THR A 226 7.74 17.93 31.92
CA THR A 226 8.70 17.65 30.87
C THR A 226 9.44 18.92 30.50
N PRO A 227 10.36 18.84 29.52
CA PRO A 227 11.08 20.07 29.17
C PRO A 227 10.13 21.14 28.63
N LEU A 228 8.91 20.74 28.31
CA LEU A 228 7.94 21.68 27.77
C LEU A 228 7.15 22.43 28.85
N THR A 229 6.96 21.81 30.01
CA THR A 229 6.21 22.42 31.10
C THR A 229 6.54 23.89 31.37
N PRO A 230 7.84 24.23 31.53
CA PRO A 230 8.22 25.61 31.79
C PRO A 230 7.63 26.64 30.82
N ILE A 231 7.21 26.20 29.65
CA ILE A 231 6.65 27.16 28.73
C ILE A 231 5.18 26.92 28.43
N ALA A 232 4.57 25.97 29.13
CA ALA A 232 3.16 25.66 28.92
C ALA A 232 2.27 26.62 29.68
N ASP A 233 1.25 27.14 29.01
CA ASP A 233 0.31 28.04 29.66
C ASP A 233 -0.49 27.22 30.66
N TYR A 234 -0.69 25.95 30.33
CA TYR A 234 -1.41 25.02 31.20
C TYR A 234 -0.74 23.65 31.13
N SER A 235 -0.51 23.06 32.28
CA SER A 235 0.07 21.74 32.32
C SER A 235 -0.78 20.97 33.31
N LEU A 236 -1.49 19.97 32.80
CA LEU A 236 -2.38 19.18 33.63
C LEU A 236 -1.79 17.80 33.95
N ARG A 237 -1.54 17.54 35.24
CA ARG A 237 -0.98 16.26 35.69
C ARG A 237 -2.04 15.18 35.82
N GLY A 238 -2.28 14.44 34.75
CA GLY A 238 -3.26 13.38 34.78
C GLY A 238 -3.13 12.55 33.52
N LYS A 239 -3.86 11.43 33.47
CA LYS A 239 -3.84 10.56 32.30
C LYS A 239 -4.65 11.22 31.19
N ALA A 240 -4.20 11.07 29.94
CA ALA A 240 -4.91 11.69 28.82
C ALA A 240 -6.36 11.22 28.69
N GLY A 241 -6.61 9.97 29.04
CA GLY A 241 -7.96 9.43 28.94
C GLY A 241 -8.91 10.23 29.80
N GLU A 242 -8.65 10.24 31.11
CA GLU A 242 -9.48 10.95 32.07
C GLU A 242 -9.54 12.46 31.79
N VAL A 243 -8.38 13.08 31.62
CA VAL A 243 -8.31 14.51 31.35
C VAL A 243 -8.96 14.98 30.04
N MET A 244 -8.67 14.30 28.94
CA MET A 244 -9.29 14.69 27.66
C MET A 244 -10.79 14.42 27.71
N ASP A 245 -11.17 13.32 28.35
CA ASP A 245 -12.58 13.01 28.46
C ASP A 245 -13.27 14.20 29.14
N GLU A 246 -12.82 14.56 30.34
CA GLU A 246 -13.42 15.69 31.06
C GLU A 246 -13.36 16.97 30.24
N LEU A 247 -12.26 17.14 29.50
CA LEU A 247 -12.05 18.32 28.67
C LEU A 247 -13.08 18.46 27.55
N VAL A 248 -13.29 17.39 26.78
CA VAL A 248 -14.25 17.44 25.69
C VAL A 248 -15.68 17.58 26.19
N ARG A 249 -16.01 17.00 27.35
CA ARG A 249 -17.37 17.13 27.86
C ARG A 249 -17.69 18.60 28.05
N HIS A 250 -16.87 19.29 28.85
CA HIS A 250 -17.06 20.70 29.12
C HIS A 250 -17.06 21.56 27.85
N VAL A 251 -16.10 21.32 26.97
CA VAL A 251 -16.02 22.07 25.71
C VAL A 251 -17.31 21.84 24.94
N ARG A 252 -17.79 20.59 24.97
CA ARG A 252 -19.01 20.21 24.26
C ARG A 252 -20.22 20.99 24.74
N LYS A 253 -20.36 21.11 26.05
CA LYS A 253 -21.47 21.84 26.66
C LYS A 253 -21.37 23.31 26.34
N ALA A 254 -20.21 23.88 26.63
CA ALA A 254 -19.94 25.30 26.40
C ALA A 254 -20.02 25.69 24.93
N LEU A 255 -19.84 24.72 24.04
CA LEU A 255 -19.87 24.99 22.61
C LEU A 255 -21.30 24.93 22.07
N SER A 256 -22.26 24.92 22.98
CA SER A 256 -23.67 24.87 22.62
C SER A 256 -24.42 25.96 23.38
N ASP B 13 -1.55 -33.49 -33.16
CA ASP B 13 -2.71 -33.54 -32.22
C ASP B 13 -2.51 -34.61 -31.14
N GLU B 14 -2.23 -35.84 -31.57
CA GLU B 14 -1.98 -36.90 -30.61
C GLU B 14 -0.61 -36.64 -30.01
N LYS B 15 0.30 -36.11 -30.84
CA LYS B 15 1.64 -35.78 -30.38
C LYS B 15 1.54 -34.48 -29.59
N LEU B 16 0.67 -33.59 -30.04
CA LEU B 16 0.44 -32.33 -29.35
C LEU B 16 -0.01 -32.65 -27.94
N LEU B 17 -1.06 -33.46 -27.85
CA LEU B 17 -1.63 -33.87 -26.57
C LEU B 17 -0.61 -34.54 -25.66
N LYS B 18 0.28 -35.32 -26.24
CA LYS B 18 1.32 -36.03 -25.49
C LYS B 18 2.37 -35.06 -24.97
N THR B 19 2.80 -34.15 -25.83
CA THR B 19 3.79 -33.15 -25.47
C THR B 19 3.35 -32.47 -24.17
N ILE B 20 2.05 -32.17 -24.08
CA ILE B 20 1.49 -31.53 -22.89
C ILE B 20 1.42 -32.51 -21.72
N ALA B 21 0.75 -33.63 -21.93
CA ALA B 21 0.59 -34.62 -20.87
C ALA B 21 1.90 -35.12 -20.27
N GLU B 22 2.94 -35.23 -21.08
CA GLU B 22 4.24 -35.71 -20.59
C GLU B 22 5.24 -34.61 -20.26
N SER B 23 4.81 -33.35 -20.34
CA SER B 23 5.73 -32.26 -20.06
C SER B 23 6.27 -32.37 -18.64
N LYS B 24 7.51 -31.95 -18.45
CA LYS B 24 8.13 -31.99 -17.12
C LYS B 24 7.88 -30.65 -16.41
N TYR B 25 7.74 -29.59 -17.17
CA TYR B 25 7.53 -28.28 -16.57
C TYR B 25 6.89 -27.33 -17.59
N LEU B 26 5.57 -27.41 -17.73
CA LEU B 26 4.90 -26.54 -18.67
C LEU B 26 4.52 -25.20 -18.04
N VAL B 27 4.70 -24.13 -18.81
CA VAL B 27 4.31 -22.81 -18.32
C VAL B 27 3.44 -22.23 -19.43
N ALA B 28 2.88 -21.05 -19.19
CA ALA B 28 2.06 -20.44 -20.21
C ALA B 28 2.28 -18.94 -20.19
N LEU B 29 1.98 -18.32 -21.33
CA LEU B 29 2.08 -16.88 -21.51
C LEU B 29 0.79 -16.48 -22.22
N THR B 30 0.05 -15.58 -21.63
CA THR B 30 -1.20 -15.16 -22.24
C THR B 30 -1.23 -13.68 -22.52
N GLY B 31 -2.06 -13.31 -23.49
CA GLY B 31 -2.23 -11.92 -23.87
C GLY B 31 -3.71 -11.55 -23.91
N ALA B 32 -4.00 -10.34 -24.39
CA ALA B 32 -5.36 -9.80 -24.44
C ALA B 32 -6.41 -10.74 -25.05
N GLY B 33 -5.96 -11.60 -25.96
CA GLY B 33 -6.86 -12.52 -26.61
C GLY B 33 -7.55 -13.58 -25.75
N VAL B 34 -6.96 -13.96 -24.60
CA VAL B 34 -7.62 -14.97 -23.77
C VAL B 34 -8.71 -14.37 -22.88
N SER B 35 -8.97 -13.07 -23.06
CA SER B 35 -9.98 -12.39 -22.28
C SER B 35 -11.02 -11.80 -23.22
N ALA B 36 -10.79 -11.97 -24.52
CA ALA B 36 -11.73 -11.48 -25.52
C ALA B 36 -13.10 -12.17 -25.34
N GLU B 37 -13.08 -13.46 -25.08
CA GLU B 37 -14.30 -14.23 -24.91
C GLU B 37 -14.99 -13.95 -23.56
N SER B 38 -14.45 -12.99 -22.81
CA SER B 38 -15.06 -12.57 -21.55
C SER B 38 -15.72 -11.22 -21.75
N GLY B 39 -15.72 -10.74 -23.00
CA GLY B 39 -16.33 -9.46 -23.27
C GLY B 39 -15.36 -8.30 -23.16
N ILE B 40 -14.07 -8.61 -23.22
CA ILE B 40 -13.03 -7.59 -23.15
C ILE B 40 -12.22 -7.70 -24.43
N PRO B 41 -12.64 -6.96 -25.48
CA PRO B 41 -11.98 -6.98 -26.78
C PRO B 41 -10.52 -6.56 -26.79
N THR B 42 -9.78 -7.09 -27.76
CA THR B 42 -8.39 -6.74 -27.95
C THR B 42 -8.55 -5.36 -28.60
N PHE B 43 -7.60 -4.47 -28.43
CA PHE B 43 -7.76 -3.12 -28.99
C PHE B 43 -7.60 -2.95 -30.49
N ARG B 44 -6.76 -3.78 -31.11
CA ARG B 44 -6.53 -3.71 -32.55
C ARG B 44 -6.23 -2.29 -33.01
N GLY B 45 -5.24 -1.65 -32.39
CA GLY B 45 -4.89 -0.29 -32.78
C GLY B 45 -5.78 0.85 -32.31
N LYS B 46 -6.93 0.56 -31.70
CA LYS B 46 -7.84 1.60 -31.21
C LYS B 46 -8.05 1.54 -29.68
N ASP B 47 -8.40 2.67 -29.08
CA ASP B 47 -8.62 2.72 -27.64
C ASP B 47 -9.95 2.07 -27.23
N GLY B 48 -10.83 1.84 -28.20
CA GLY B 48 -12.11 1.21 -27.92
C GLY B 48 -13.15 2.06 -27.21
N LEU B 49 -12.80 3.28 -26.83
CA LEU B 49 -13.76 4.15 -26.13
C LEU B 49 -14.14 5.33 -27.03
N TRP B 50 -13.15 6.13 -27.40
CA TRP B 50 -13.36 7.28 -28.29
C TRP B 50 -13.04 6.80 -29.70
N ASN B 51 -12.29 5.70 -29.77
CA ASN B 51 -11.81 5.12 -31.01
C ASN B 51 -11.18 6.23 -31.82
N ARG B 52 -10.29 6.95 -31.15
CA ARG B 52 -9.60 8.07 -31.76
C ARG B 52 -8.08 7.97 -31.65
N TYR B 53 -7.59 7.10 -30.76
CA TYR B 53 -6.16 6.95 -30.57
C TYR B 53 -5.73 5.50 -30.52
N ARG B 54 -4.43 5.30 -30.59
CA ARG B 54 -3.86 3.98 -30.47
C ARG B 54 -3.75 3.86 -28.96
N PRO B 55 -3.96 2.66 -28.41
CA PRO B 55 -3.86 2.49 -26.96
C PRO B 55 -2.51 2.94 -26.40
N GLU B 56 -1.46 2.78 -27.20
CA GLU B 56 -0.11 3.16 -26.82
C GLU B 56 -0.06 4.66 -26.47
N GLU B 57 -0.95 5.45 -27.07
CA GLU B 57 -1.00 6.90 -26.81
C GLU B 57 -1.65 7.27 -25.47
N LEU B 58 -2.34 6.31 -24.84
CA LEU B 58 -2.99 6.58 -23.56
C LEU B 58 -2.27 5.89 -22.38
N ALA B 59 -1.85 4.66 -22.59
CA ALA B 59 -1.11 3.90 -21.57
C ALA B 59 0.32 4.36 -21.74
N ASN B 60 0.56 5.62 -21.38
CA ASN B 60 1.84 6.28 -21.53
C ASN B 60 2.04 7.26 -20.38
N PRO B 61 3.25 7.32 -19.78
CA PRO B 61 3.45 8.25 -18.67
C PRO B 61 3.39 9.72 -19.07
N GLN B 62 3.80 10.04 -20.30
CA GLN B 62 3.74 11.43 -20.76
C GLN B 62 2.25 11.81 -20.88
N ALA B 63 1.47 10.96 -21.52
CA ALA B 63 0.05 11.23 -21.69
C ALA B 63 -0.61 11.43 -20.33
N PHE B 64 -0.21 10.64 -19.35
CA PHE B 64 -0.75 10.76 -18.00
C PHE B 64 -0.40 12.12 -17.42
N ALA B 65 0.86 12.52 -17.62
CA ALA B 65 1.34 13.80 -17.10
C ALA B 65 0.63 14.95 -17.80
N LYS B 66 0.51 14.87 -19.12
CA LYS B 66 -0.13 15.92 -19.88
C LYS B 66 -1.64 16.03 -19.63
N ASP B 67 -2.35 14.90 -19.64
CA ASP B 67 -3.80 14.92 -19.42
C ASP B 67 -4.29 13.75 -18.55
N PRO B 68 -4.13 13.86 -17.22
CA PRO B 68 -4.53 12.84 -16.25
C PRO B 68 -5.99 12.43 -16.34
N GLU B 69 -6.86 13.40 -16.57
CA GLU B 69 -8.28 13.12 -16.66
C GLU B 69 -8.61 12.20 -17.84
N LYS B 70 -8.04 12.47 -19.00
CA LYS B 70 -8.31 11.64 -20.16
C LYS B 70 -7.82 10.21 -19.96
N VAL B 71 -6.62 10.06 -19.41
CA VAL B 71 -6.07 8.72 -19.19
C VAL B 71 -6.87 7.99 -18.13
N TRP B 72 -7.20 8.68 -17.03
CA TRP B 72 -7.99 8.07 -15.97
C TRP B 72 -9.36 7.66 -16.47
N LYS B 73 -9.97 8.51 -17.30
CA LYS B 73 -11.27 8.17 -17.86
C LYS B 73 -11.18 6.86 -18.64
N TRP B 74 -10.10 6.69 -19.39
CA TRP B 74 -9.91 5.48 -20.18
C TRP B 74 -9.75 4.28 -19.26
N TYR B 75 -8.93 4.43 -18.22
CA TYR B 75 -8.74 3.32 -17.30
C TYR B 75 -9.96 3.01 -16.43
N ALA B 76 -10.75 4.03 -16.13
CA ALA B 76 -11.97 3.83 -15.32
C ALA B 76 -12.95 2.98 -16.11
N TRP B 77 -13.02 3.28 -17.40
CA TRP B 77 -13.87 2.56 -18.33
C TRP B 77 -13.38 1.11 -18.43
N ARG B 78 -12.07 0.94 -18.58
CA ARG B 78 -11.49 -0.41 -18.67
C ARG B 78 -11.78 -1.19 -17.38
N MET B 79 -11.57 -0.51 -16.26
CA MET B 79 -11.78 -1.13 -14.96
C MET B 79 -13.19 -1.64 -14.80
N GLU B 80 -14.15 -0.76 -15.03
CA GLU B 80 -15.55 -1.15 -14.90
C GLU B 80 -15.88 -2.36 -15.77
N LYS B 81 -15.36 -2.40 -16.99
CA LYS B 81 -15.62 -3.54 -17.86
C LYS B 81 -14.96 -4.79 -17.30
N VAL B 82 -13.71 -4.67 -16.86
CA VAL B 82 -12.98 -5.82 -16.31
C VAL B 82 -13.63 -6.38 -15.05
N PHE B 83 -13.90 -5.49 -14.09
CA PHE B 83 -14.51 -5.89 -12.81
C PHE B 83 -15.87 -6.57 -12.98
N ASN B 84 -16.60 -6.24 -14.05
CA ASN B 84 -17.91 -6.83 -14.28
C ASN B 84 -17.91 -8.00 -15.26
N ALA B 85 -16.73 -8.39 -15.72
CA ALA B 85 -16.64 -9.51 -16.66
C ALA B 85 -16.50 -10.79 -15.86
N GLN B 86 -16.66 -11.93 -16.52
CA GLN B 86 -16.53 -13.22 -15.87
C GLN B 86 -15.39 -14.00 -16.54
N PRO B 87 -14.68 -14.84 -15.77
CA PRO B 87 -13.60 -15.60 -16.41
C PRO B 87 -14.22 -16.50 -17.47
N ASN B 88 -13.54 -16.71 -18.60
CA ASN B 88 -14.11 -17.59 -19.64
C ASN B 88 -13.49 -18.99 -19.65
N LYS B 89 -13.85 -19.80 -20.63
CA LYS B 89 -13.32 -21.16 -20.69
C LYS B 89 -11.80 -21.31 -20.75
N ALA B 90 -11.11 -20.30 -21.29
CA ALA B 90 -9.65 -20.36 -21.34
C ALA B 90 -9.10 -20.17 -19.92
N HIS B 91 -9.51 -19.08 -19.24
CA HIS B 91 -9.04 -18.84 -17.87
C HIS B 91 -9.34 -20.10 -17.04
N GLN B 92 -10.56 -20.61 -17.19
CA GLN B 92 -10.92 -21.80 -16.44
C GLN B 92 -10.00 -22.97 -16.83
N ALA B 93 -9.79 -23.17 -18.13
CA ALA B 93 -8.93 -24.24 -18.61
C ALA B 93 -7.50 -24.15 -18.07
N PHE B 94 -6.96 -22.94 -17.94
CA PHE B 94 -5.61 -22.77 -17.41
C PHE B 94 -5.59 -23.09 -15.92
N ALA B 95 -6.65 -22.69 -15.23
CA ALA B 95 -6.75 -22.95 -13.80
C ALA B 95 -6.73 -24.47 -13.60
N GLU B 96 -7.55 -25.18 -14.37
CA GLU B 96 -7.62 -26.65 -14.29
C GLU B 96 -6.25 -27.29 -14.58
N LEU B 97 -5.59 -26.84 -15.65
CA LEU B 97 -4.28 -27.39 -16.00
C LEU B 97 -3.32 -27.25 -14.81
N GLU B 98 -3.50 -26.20 -14.02
CA GLU B 98 -2.64 -26.00 -12.86
C GLU B 98 -3.04 -26.93 -11.72
N ARG B 99 -4.34 -27.24 -11.64
CA ARG B 99 -4.87 -28.11 -10.60
C ARG B 99 -4.34 -29.53 -10.83
N LEU B 100 -4.25 -29.92 -12.09
CA LEU B 100 -3.78 -31.24 -12.48
C LEU B 100 -2.26 -31.37 -12.33
N GLY B 101 -1.61 -30.28 -11.91
CA GLY B 101 -0.17 -30.32 -11.77
C GLY B 101 0.60 -30.22 -13.09
N VAL B 102 -0.09 -29.94 -14.19
CA VAL B 102 0.57 -29.82 -15.49
C VAL B 102 1.12 -28.40 -15.69
N LEU B 103 0.28 -27.40 -15.43
CA LEU B 103 0.74 -26.02 -15.57
C LEU B 103 1.46 -25.59 -14.30
N LYS B 104 2.75 -25.30 -14.42
CA LYS B 104 3.57 -24.89 -13.29
C LYS B 104 3.51 -23.41 -12.99
N CYS B 105 3.30 -22.60 -14.01
CA CYS B 105 3.26 -21.16 -13.79
C CYS B 105 2.66 -20.48 -15.00
N LEU B 106 1.88 -19.44 -14.74
CA LEU B 106 1.27 -18.71 -15.83
C LEU B 106 1.79 -17.28 -15.78
N ILE B 107 2.27 -16.81 -16.92
CA ILE B 107 2.79 -15.46 -17.07
C ILE B 107 1.79 -14.76 -17.96
N THR B 108 1.34 -13.58 -17.56
CA THR B 108 0.39 -12.90 -18.40
C THR B 108 0.76 -11.46 -18.61
N GLN B 109 0.45 -10.97 -19.81
CA GLN B 109 0.67 -9.58 -20.16
C GLN B 109 -0.62 -8.82 -19.79
N ASN B 110 -1.71 -9.54 -19.57
CA ASN B 110 -3.01 -8.92 -19.26
C ASN B 110 -3.04 -8.19 -17.92
N VAL B 111 -3.74 -7.06 -17.88
CA VAL B 111 -3.86 -6.28 -16.67
C VAL B 111 -5.19 -6.59 -15.97
N ASP B 112 -5.99 -7.45 -16.57
CA ASP B 112 -7.26 -7.87 -15.95
C ASP B 112 -6.87 -8.94 -14.93
N ASP B 113 -7.82 -9.31 -14.09
CA ASP B 113 -7.59 -10.30 -13.04
C ASP B 113 -8.39 -11.58 -13.28
N LEU B 114 -8.79 -11.83 -14.51
CA LEU B 114 -9.59 -13.02 -14.80
C LEU B 114 -8.90 -14.36 -14.55
N HIS B 115 -7.56 -14.40 -14.66
CA HIS B 115 -6.84 -15.68 -14.39
C HIS B 115 -7.00 -16.09 -12.92
N GLU B 116 -6.54 -15.22 -12.02
CA GLU B 116 -6.61 -15.49 -10.59
C GLU B 116 -8.05 -15.58 -10.09
N ARG B 117 -8.95 -14.93 -10.80
CA ARG B 117 -10.36 -14.97 -10.42
C ARG B 117 -10.91 -16.35 -10.82
N ALA B 118 -10.27 -16.97 -11.81
CA ALA B 118 -10.67 -18.30 -12.26
C ALA B 118 -10.05 -19.33 -11.31
N GLY B 119 -9.19 -18.87 -10.41
CA GLY B 119 -8.54 -19.77 -9.47
C GLY B 119 -7.03 -19.95 -9.64
N SER B 120 -6.49 -19.54 -10.78
CA SER B 120 -5.04 -19.67 -11.02
C SER B 120 -4.28 -19.13 -9.82
N ARG B 121 -3.37 -19.94 -9.28
CA ARG B 121 -2.60 -19.56 -8.10
C ARG B 121 -1.28 -18.88 -8.42
N ASN B 122 -0.46 -19.54 -9.23
CA ASN B 122 0.85 -19.02 -9.59
C ASN B 122 0.73 -18.19 -10.89
N VAL B 123 0.54 -16.89 -10.72
CA VAL B 123 0.39 -15.97 -11.84
C VAL B 123 1.33 -14.78 -11.74
N ILE B 124 2.14 -14.59 -12.78
CA ILE B 124 3.06 -13.46 -12.80
C ILE B 124 2.48 -12.40 -13.74
N HIS B 125 2.29 -11.20 -13.23
CA HIS B 125 1.76 -10.09 -14.03
C HIS B 125 2.89 -9.24 -14.53
N LEU B 126 3.25 -9.44 -15.78
CA LEU B 126 4.34 -8.71 -16.42
C LEU B 126 4.05 -7.22 -16.51
N HIS B 127 2.78 -6.88 -16.69
CA HIS B 127 2.42 -5.48 -16.86
C HIS B 127 1.52 -4.89 -15.79
N GLY B 128 1.56 -5.45 -14.60
CA GLY B 128 0.76 -4.91 -13.53
C GLY B 128 -0.70 -5.34 -13.62
N SER B 129 -1.56 -4.64 -12.90
CA SER B 129 -2.98 -5.00 -12.85
C SER B 129 -3.90 -3.80 -12.61
N LEU B 130 -5.07 -3.84 -13.25
CA LEU B 130 -6.10 -2.81 -13.13
C LEU B 130 -6.69 -2.79 -11.71
N ARG B 131 -6.52 -3.89 -10.97
CA ARG B 131 -7.02 -3.98 -9.61
C ARG B 131 -6.17 -3.12 -8.69
N VAL B 132 -4.96 -2.81 -9.13
CA VAL B 132 -4.06 -2.02 -8.32
C VAL B 132 -4.04 -0.54 -8.67
N VAL B 133 -4.06 0.30 -7.65
CA VAL B 133 -4.02 1.74 -7.83
C VAL B 133 -2.97 2.17 -6.84
N ARG B 134 -2.17 3.17 -7.17
CA ARG B 134 -1.15 3.63 -6.26
C ARG B 134 -0.90 5.13 -6.36
N CYS B 135 -0.48 5.72 -5.25
CA CYS B 135 -0.21 7.14 -5.21
C CYS B 135 1.08 7.51 -5.95
N THR B 136 0.97 8.47 -6.86
CA THR B 136 2.13 8.90 -7.63
C THR B 136 3.13 9.69 -6.80
N SER B 137 2.75 10.06 -5.58
CA SER B 137 3.63 10.85 -4.72
C SER B 137 4.19 10.11 -3.51
N CYS B 138 3.30 9.54 -2.70
CA CYS B 138 3.71 8.82 -1.50
C CYS B 138 3.88 7.31 -1.75
N ASN B 139 3.57 6.88 -2.96
CA ASN B 139 3.71 5.47 -3.35
C ASN B 139 2.81 4.45 -2.66
N ASN B 140 1.87 4.88 -1.80
CA ASN B 140 1.02 3.87 -1.21
C ASN B 140 0.32 3.12 -2.34
N SER B 141 0.14 1.82 -2.17
CA SER B 141 -0.48 1.00 -3.20
C SER B 141 -1.53 0.09 -2.57
N PHE B 142 -2.67 -0.05 -3.25
CA PHE B 142 -3.76 -0.88 -2.73
C PHE B 142 -4.62 -1.39 -3.88
N GLU B 143 -5.49 -2.34 -3.58
CA GLU B 143 -6.39 -2.92 -4.58
C GLU B 143 -7.80 -2.36 -4.42
N VAL B 144 -8.52 -2.24 -5.53
CA VAL B 144 -9.87 -1.71 -5.51
C VAL B 144 -10.90 -2.72 -5.98
N GLU B 145 -12.15 -2.51 -5.58
CA GLU B 145 -13.22 -3.42 -5.96
C GLU B 145 -14.15 -2.82 -7.01
N SER B 146 -14.14 -1.50 -7.12
CA SER B 146 -14.98 -0.86 -8.11
C SER B 146 -14.18 0.21 -8.82
N ALA B 147 -14.60 0.53 -10.04
CA ALA B 147 -13.93 1.55 -10.82
C ALA B 147 -14.34 2.93 -10.30
N PRO B 148 -13.47 3.92 -10.45
CA PRO B 148 -13.80 5.27 -9.97
C PRO B 148 -14.62 6.05 -10.98
N LYS B 149 -15.39 7.01 -10.47
CA LYS B 149 -16.22 7.88 -11.31
C LYS B 149 -15.29 9.08 -11.44
N ILE B 150 -14.93 9.44 -12.65
CA ILE B 150 -13.99 10.53 -12.83
C ILE B 150 -14.48 11.98 -12.85
N PRO B 151 -15.55 12.31 -12.10
CA PRO B 151 -15.84 13.73 -12.21
C PRO B 151 -14.56 14.39 -11.65
N PRO B 152 -14.00 13.82 -10.55
CA PRO B 152 -12.78 14.38 -9.97
C PRO B 152 -11.63 13.35 -10.16
N LEU B 153 -10.39 13.81 -10.21
CA LEU B 153 -9.26 12.90 -10.36
C LEU B 153 -9.10 12.11 -9.07
N PRO B 154 -8.85 10.80 -9.17
CA PRO B 154 -8.69 9.96 -7.97
C PRO B 154 -7.50 10.44 -7.14
N LYS B 155 -7.68 10.60 -5.83
CA LYS B 155 -6.58 11.06 -5.00
C LYS B 155 -6.29 10.24 -3.75
N CYS B 156 -5.02 10.22 -3.38
CA CYS B 156 -4.52 9.47 -2.23
C CYS B 156 -5.07 9.91 -0.88
N ASP B 157 -5.61 8.97 -0.10
CA ASP B 157 -6.15 9.31 1.22
C ASP B 157 -5.07 9.76 2.18
N LYS B 158 -3.93 9.08 2.12
CA LYS B 158 -2.81 9.37 2.98
C LYS B 158 -2.04 10.67 2.72
N CYS B 159 -2.12 11.20 1.51
CA CYS B 159 -1.40 12.44 1.21
C CYS B 159 -2.13 13.36 0.23
N GLY B 160 -3.33 12.95 -0.20
CA GLY B 160 -4.12 13.77 -1.10
C GLY B 160 -3.60 13.92 -2.52
N SER B 161 -2.48 13.28 -2.83
CA SER B 161 -1.93 13.39 -4.18
C SER B 161 -2.70 12.57 -5.20
N LEU B 162 -2.33 12.74 -6.47
CA LEU B 162 -2.98 12.06 -7.58
C LEU B 162 -2.62 10.58 -7.65
N LEU B 163 -3.64 9.74 -7.74
CA LEU B 163 -3.41 8.31 -7.85
C LEU B 163 -3.25 7.97 -9.34
N ARG B 164 -2.76 6.76 -9.62
CA ARG B 164 -2.60 6.30 -11.01
C ARG B 164 -2.84 4.81 -11.04
N PRO B 165 -3.19 4.26 -12.20
CA PRO B 165 -3.43 2.81 -12.35
C PRO B 165 -2.12 2.06 -12.05
N GLY B 166 -2.22 0.97 -11.32
CA GLY B 166 -1.03 0.19 -10.99
C GLY B 166 -0.58 -0.72 -12.11
N VAL B 167 -0.53 -0.20 -13.34
CA VAL B 167 -0.07 -1.00 -14.49
C VAL B 167 1.26 -0.46 -14.97
N VAL B 168 1.91 -1.20 -15.86
CA VAL B 168 3.18 -0.78 -16.40
C VAL B 168 2.92 -0.24 -17.81
N TRP B 169 3.20 1.05 -18.02
CA TRP B 169 2.99 1.66 -19.32
C TRP B 169 4.24 1.53 -20.18
N PHE B 170 4.12 1.83 -21.47
CA PHE B 170 5.30 1.76 -22.32
C PHE B 170 6.23 2.87 -21.82
N GLY B 171 7.52 2.57 -21.78
CA GLY B 171 8.47 3.57 -21.30
C GLY B 171 8.76 3.43 -19.83
N GLU B 172 8.12 2.47 -19.16
CA GLU B 172 8.39 2.27 -17.73
C GLU B 172 9.04 0.89 -17.60
N MET B 173 9.89 0.73 -16.61
CA MET B 173 10.57 -0.55 -16.39
C MET B 173 9.58 -1.50 -15.76
N LEU B 174 9.74 -2.79 -16.03
CA LEU B 174 8.88 -3.79 -15.42
C LEU B 174 9.42 -3.94 -14.00
N PRO B 175 8.57 -4.38 -13.05
CA PRO B 175 9.09 -4.56 -11.70
C PRO B 175 10.19 -5.59 -11.89
N PRO B 176 11.42 -5.28 -11.47
CA PRO B 176 12.55 -6.20 -11.62
C PRO B 176 12.33 -7.63 -11.17
N ASP B 177 11.77 -7.79 -9.97
CA ASP B 177 11.56 -9.14 -9.46
C ASP B 177 10.57 -9.88 -10.35
N VAL B 178 9.59 -9.16 -10.88
CA VAL B 178 8.61 -9.75 -11.76
C VAL B 178 9.30 -10.21 -13.07
N LEU B 179 10.19 -9.38 -13.60
CA LEU B 179 10.92 -9.71 -14.83
C LEU B 179 11.82 -10.91 -14.51
N ASP B 180 12.49 -10.82 -13.36
CA ASP B 180 13.39 -11.89 -12.91
C ASP B 180 12.67 -13.23 -12.77
N ARG B 181 11.51 -13.23 -12.13
CA ARG B 181 10.79 -14.48 -11.98
C ARG B 181 10.31 -15.06 -13.30
N ALA B 182 9.81 -14.21 -14.20
CA ALA B 182 9.32 -14.71 -15.48
C ALA B 182 10.46 -15.34 -16.27
N MET B 183 11.64 -14.73 -16.24
CA MET B 183 12.80 -15.28 -16.95
C MET B 183 13.20 -16.66 -16.39
N ARG B 184 13.21 -16.77 -15.06
CA ARG B 184 13.57 -18.04 -14.44
C ARG B 184 12.55 -19.15 -14.72
N GLU B 185 11.27 -18.80 -14.90
CA GLU B 185 10.31 -19.83 -15.23
C GLU B 185 10.57 -20.31 -16.64
N VAL B 186 10.79 -19.37 -17.58
CA VAL B 186 11.01 -19.81 -18.96
C VAL B 186 12.32 -20.52 -19.17
N GLU B 187 13.33 -20.15 -18.38
CA GLU B 187 14.64 -20.81 -18.51
C GLU B 187 14.57 -22.15 -17.80
N ARG B 188 13.37 -22.55 -17.40
CA ARG B 188 13.17 -23.80 -16.68
C ARG B 188 12.13 -24.72 -17.34
N ALA B 189 11.22 -24.14 -18.13
CA ALA B 189 10.17 -24.91 -18.78
C ALA B 189 10.60 -25.67 -20.04
N ASP B 190 9.99 -26.84 -20.27
CA ASP B 190 10.31 -27.64 -21.45
C ASP B 190 9.20 -27.50 -22.48
N VAL B 191 8.13 -26.82 -22.08
CA VAL B 191 6.98 -26.58 -22.94
C VAL B 191 6.29 -25.29 -22.51
N ILE B 192 5.84 -24.50 -23.47
CA ILE B 192 5.14 -23.26 -23.14
C ILE B 192 3.99 -23.06 -24.08
N ILE B 193 2.84 -22.77 -23.49
CA ILE B 193 1.63 -22.48 -24.27
C ILE B 193 1.57 -20.96 -24.33
N VAL B 194 1.49 -20.45 -25.55
CA VAL B 194 1.44 -19.02 -25.77
C VAL B 194 0.07 -18.77 -26.39
N ALA B 195 -0.82 -18.19 -25.59
CA ALA B 195 -2.17 -17.95 -26.07
C ALA B 195 -2.64 -16.53 -26.00
N GLY B 196 -3.31 -16.11 -27.08
CA GLY B 196 -3.91 -14.79 -27.16
C GLY B 196 -3.01 -13.60 -27.22
N THR B 197 -1.78 -13.79 -27.71
CA THR B 197 -0.86 -12.68 -27.79
C THR B 197 -0.34 -12.49 -29.21
N SER B 198 -0.22 -11.23 -29.63
CA SER B 198 0.27 -10.93 -30.96
C SER B 198 1.78 -11.11 -31.05
N ALA B 199 2.41 -11.48 -29.94
CA ALA B 199 3.87 -11.71 -29.93
C ALA B 199 4.69 -10.61 -30.65
N VAL B 200 4.38 -9.37 -30.32
CA VAL B 200 5.07 -8.22 -30.89
C VAL B 200 5.62 -7.40 -29.71
N VAL B 201 4.79 -7.17 -28.70
CA VAL B 201 5.26 -6.40 -27.55
C VAL B 201 6.32 -7.11 -26.70
N GLN B 202 7.43 -6.41 -26.48
CA GLN B 202 8.58 -6.93 -25.73
C GLN B 202 8.59 -6.40 -24.29
N PRO B 203 9.27 -7.11 -23.38
CA PRO B 203 10.01 -8.36 -23.62
C PRO B 203 9.18 -9.64 -23.58
N ALA B 204 7.86 -9.52 -23.46
CA ALA B 204 7.01 -10.69 -23.40
C ALA B 204 7.16 -11.56 -24.66
N ALA B 205 7.27 -10.93 -25.82
CA ALA B 205 7.37 -11.67 -27.09
C ALA B 205 8.63 -12.54 -27.11
N SER B 206 9.60 -12.15 -26.30
CA SER B 206 10.86 -12.90 -26.24
C SER B 206 10.87 -14.10 -25.30
N LEU B 207 9.92 -14.19 -24.38
CA LEU B 207 9.94 -15.29 -23.43
C LEU B 207 9.89 -16.69 -24.06
N PRO B 208 9.04 -16.88 -25.08
CA PRO B 208 8.99 -18.21 -25.71
C PRO B 208 10.33 -18.60 -26.36
N LEU B 209 11.08 -17.61 -26.83
CA LEU B 209 12.36 -17.90 -27.48
C LEU B 209 13.31 -18.60 -26.52
N ILE B 210 13.32 -18.16 -25.27
CA ILE B 210 14.17 -18.76 -24.26
C ILE B 210 13.82 -20.22 -24.04
N VAL B 211 12.54 -20.56 -24.05
CA VAL B 211 12.11 -21.94 -23.87
C VAL B 211 12.59 -22.74 -25.09
N LYS B 212 12.43 -22.18 -26.28
CA LYS B 212 12.85 -22.85 -27.50
C LYS B 212 14.38 -23.06 -27.49
N GLN B 213 15.11 -21.99 -27.21
CA GLN B 213 16.56 -22.07 -27.25
C GLN B 213 17.17 -23.03 -26.25
N ARG B 214 16.39 -23.46 -25.28
CA ARG B 214 16.89 -24.39 -24.28
C ARG B 214 16.32 -25.77 -24.59
N GLY B 215 15.83 -25.93 -25.82
CA GLY B 215 15.29 -27.20 -26.28
C GLY B 215 13.82 -27.54 -26.03
N GLY B 216 13.07 -26.60 -25.48
CA GLY B 216 11.66 -26.86 -25.19
C GLY B 216 10.74 -26.63 -26.37
N ALA B 217 9.46 -26.90 -26.17
CA ALA B 217 8.48 -26.75 -27.23
C ALA B 217 7.57 -25.54 -27.03
N ILE B 218 7.00 -25.06 -28.13
CA ILE B 218 6.10 -23.90 -28.12
C ILE B 218 4.80 -24.35 -28.75
N ILE B 219 3.70 -24.08 -28.06
CA ILE B 219 2.36 -24.40 -28.54
C ILE B 219 1.65 -23.08 -28.59
N GLU B 220 1.36 -22.60 -29.79
CA GLU B 220 0.71 -21.33 -29.94
C GLU B 220 -0.79 -21.50 -30.18
N ILE B 221 -1.59 -20.65 -29.53
CA ILE B 221 -3.04 -20.66 -29.69
C ILE B 221 -3.44 -19.25 -30.05
N ASN B 222 -3.81 -19.05 -31.31
CA ASN B 222 -4.18 -17.73 -31.81
C ASN B 222 -4.89 -17.90 -33.14
N PRO B 223 -6.02 -17.18 -33.35
CA PRO B 223 -6.72 -17.33 -34.62
C PRO B 223 -5.89 -16.74 -35.74
N ASP B 224 -4.81 -16.04 -35.39
CA ASP B 224 -3.91 -15.42 -36.38
C ASP B 224 -2.50 -15.96 -36.28
N GLU B 225 -1.74 -15.79 -37.34
CA GLU B 225 -0.34 -16.17 -37.32
C GLU B 225 0.33 -14.92 -36.75
N THR B 226 1.46 -15.11 -36.07
CA THR B 226 2.19 -14.00 -35.47
C THR B 226 3.67 -14.24 -35.75
N PRO B 227 4.53 -13.29 -35.34
CA PRO B 227 5.97 -13.46 -35.55
C PRO B 227 6.51 -14.72 -34.87
N LEU B 228 5.74 -15.23 -33.92
CA LEU B 228 6.14 -16.42 -33.18
C LEU B 228 5.82 -17.71 -33.95
N THR B 229 4.80 -17.64 -34.80
CA THR B 229 4.38 -18.81 -35.56
C THR B 229 5.48 -19.69 -36.19
N PRO B 230 6.47 -19.09 -36.87
CA PRO B 230 7.52 -19.93 -37.47
C PRO B 230 8.35 -20.75 -36.49
N ILE B 231 8.43 -20.35 -35.22
CA ILE B 231 9.22 -21.16 -34.29
C ILE B 231 8.35 -22.02 -33.38
N ALA B 232 7.05 -21.99 -33.59
CA ALA B 232 6.13 -22.78 -32.78
C ALA B 232 6.05 -24.23 -33.28
N ASP B 233 6.21 -25.17 -32.36
CA ASP B 233 6.12 -26.58 -32.70
C ASP B 233 4.68 -26.88 -33.09
N TYR B 234 3.74 -26.19 -32.44
CA TYR B 234 2.31 -26.34 -32.75
C TYR B 234 1.62 -24.99 -32.77
N SER B 235 0.79 -24.80 -33.77
CA SER B 235 0.03 -23.56 -33.88
C SER B 235 -1.42 -23.93 -34.08
N LEU B 236 -2.27 -23.52 -33.15
CA LEU B 236 -3.69 -23.84 -33.24
C LEU B 236 -4.50 -22.60 -33.60
N ARG B 237 -4.99 -22.57 -34.82
CA ARG B 237 -5.76 -21.45 -35.33
C ARG B 237 -7.19 -21.41 -34.81
N GLY B 238 -7.34 -21.09 -33.52
CA GLY B 238 -8.65 -21.02 -32.95
C GLY B 238 -8.71 -20.13 -31.71
N LYS B 239 -9.92 -19.96 -31.19
CA LYS B 239 -10.15 -19.16 -30.00
C LYS B 239 -9.58 -19.90 -28.80
N ALA B 240 -8.89 -19.18 -27.93
CA ALA B 240 -8.30 -19.78 -26.73
C ALA B 240 -9.38 -20.46 -25.89
N GLY B 241 -10.58 -19.90 -25.91
CA GLY B 241 -11.67 -20.46 -25.13
C GLY B 241 -12.01 -21.90 -25.55
N GLU B 242 -12.35 -22.08 -26.82
CA GLU B 242 -12.69 -23.39 -27.34
C GLU B 242 -11.47 -24.32 -27.27
N VAL B 243 -10.39 -23.94 -27.96
CA VAL B 243 -9.16 -24.72 -27.99
C VAL B 243 -8.72 -25.24 -26.64
N MET B 244 -8.53 -24.36 -25.68
CA MET B 244 -8.08 -24.77 -24.35
C MET B 244 -9.09 -25.67 -23.65
N ASP B 245 -10.38 -25.46 -23.90
CA ASP B 245 -11.39 -26.28 -23.24
C ASP B 245 -11.20 -27.74 -23.67
N GLU B 246 -11.09 -27.95 -24.98
CA GLU B 246 -10.89 -29.29 -25.51
C GLU B 246 -9.58 -29.86 -25.02
N LEU B 247 -8.51 -29.11 -25.23
CA LEU B 247 -7.18 -29.51 -24.81
C LEU B 247 -7.19 -30.06 -23.38
N VAL B 248 -7.60 -29.23 -22.44
CA VAL B 248 -7.62 -29.59 -21.02
C VAL B 248 -8.47 -30.83 -20.71
N ARG B 249 -9.47 -31.13 -21.53
CA ARG B 249 -10.30 -32.30 -21.29
C ARG B 249 -9.52 -33.56 -21.66
N HIS B 250 -8.91 -33.53 -22.83
CA HIS B 250 -8.11 -34.66 -23.30
C HIS B 250 -6.94 -34.88 -22.34
N VAL B 251 -6.30 -33.80 -21.93
CA VAL B 251 -5.17 -33.89 -21.01
C VAL B 251 -5.61 -34.50 -19.68
N ARG B 252 -6.90 -34.37 -19.38
CA ARG B 252 -7.43 -34.91 -18.14
C ARG B 252 -7.80 -36.38 -18.35
N LYS B 253 -8.27 -36.69 -19.56
CA LYS B 253 -8.65 -38.05 -19.92
C LYS B 253 -7.38 -38.87 -20.07
N ALA B 254 -6.45 -38.37 -20.87
CA ALA B 254 -5.17 -39.02 -21.12
C ALA B 254 -4.44 -39.32 -19.83
N LEU B 255 -4.66 -38.47 -18.82
CA LEU B 255 -4.04 -38.63 -17.51
C LEU B 255 -4.98 -39.31 -16.52
N SER B 256 -6.22 -39.55 -16.94
CA SER B 256 -7.18 -40.18 -16.03
C SER B 256 -6.63 -41.51 -15.53
ZN ZN C . 11.05 -3.31 -3.60
PA NAD D . 7.71 8.52 25.60
O1A NAD D . 7.76 7.11 26.04
O2A NAD D . 9.08 9.09 25.51
O5B NAD D . 6.85 9.40 26.63
C5B NAD D . 5.46 9.05 26.92
C4B NAD D . 4.93 10.16 27.77
O4B NAD D . 3.54 9.97 28.14
C3B NAD D . 5.70 10.40 29.07
O3B NAD D . 5.95 11.81 29.19
C2B NAD D . 4.74 9.77 30.11
O2B NAD D . 4.87 10.37 31.42
C1B NAD D . 3.39 10.09 29.51
N9A NAD D . 2.30 9.22 29.89
C8A NAD D . 2.27 7.96 30.42
N7A NAD D . 1.01 7.49 30.61
C5A NAD D . 0.21 8.54 30.17
C6A NAD D . -1.21 8.68 30.09
N6A NAD D . -2.05 7.73 30.49
N1A NAD D . -1.70 9.86 29.59
C2A NAD D . -0.81 10.84 29.20
N3A NAD D . 0.52 10.76 29.23
C4A NAD D . 0.97 9.59 29.73
O3 NAD D . 6.98 8.64 24.25
PN NAD D . 6.99 9.84 23.14
O1N NAD D . 7.30 11.15 23.72
O2N NAD D . 5.69 9.91 22.41
O5D NAD D . 8.04 9.28 22.15
C5D NAD D . 8.64 10.16 21.16
C4D NAD D . 9.41 9.27 20.23
O4D NAD D . 10.50 8.63 20.89
C3D NAD D . 8.56 8.08 19.72
O3D NAD D . 7.54 8.38 18.74
C2D NAD D . 9.65 7.06 19.29
O2D NAD D . 9.86 7.20 17.87
C1D NAD D . 10.86 7.51 20.09
N1N NAD D . 11.47 6.51 20.99
C2N NAD D . 10.58 6.11 21.93
C3N NAD D . 11.03 5.42 22.91
C7N NAD D . 10.27 4.91 24.02
O7N NAD D . 10.95 4.29 24.84
N7N NAD D . 8.92 5.11 24.15
C4N NAD D . 12.48 5.02 23.08
C5N NAD D . 13.31 5.48 22.02
C6N NAD D . 12.88 6.22 20.93
ZN ZN E . -0.15 9.42 -1.37
PA NAD F . -2.82 -7.73 -28.75
O1A NAD F . -4.00 -6.87 -28.91
O2A NAD F . -1.63 -7.05 -29.34
O5B NAD F . -3.04 -9.14 -29.45
C5B NAD F . -4.15 -10.00 -29.04
C4B NAD F . -3.92 -11.31 -29.73
O4B NAD F . -4.95 -12.32 -29.40
C3B NAD F . -3.88 -11.21 -31.25
O3B NAD F . -2.72 -11.93 -31.72
C2B NAD F . -5.30 -11.80 -31.60
O2B NAD F . -5.40 -12.37 -32.93
C1B NAD F . -5.48 -12.85 -30.56
N9A NAD F . -6.85 -13.20 -30.25
C8A NAD F . -8.04 -12.53 -30.48
N7A NAD F . -9.11 -13.19 -30.03
C5A NAD F . -8.57 -14.34 -29.47
C6A NAD F . -9.16 -15.47 -28.81
N6A NAD F . -10.46 -15.56 -28.61
N1A NAD F . -8.32 -16.48 -28.36
C2A NAD F . -6.97 -16.34 -28.58
N3A NAD F . -6.34 -15.33 -29.18
C4A NAD F . -7.18 -14.36 -29.60
O3 NAD F . -2.61 -8.07 -27.25
PN NAD F . -1.30 -8.62 -26.45
O1N NAD F . -0.38 -9.35 -27.36
O2N NAD F . -1.70 -9.49 -25.31
O5D NAD F . -0.77 -7.27 -25.88
C5D NAD F . 0.57 -7.23 -25.33
C4D NAD F . 0.71 -5.88 -24.69
O4D NAD F . 0.60 -4.84 -25.65
C3D NAD F . -0.43 -5.58 -23.70
O3D NAD F . -0.37 -6.26 -22.43
C2D NAD F . -0.39 -4.02 -23.64
O2D NAD F . 0.38 -3.62 -22.48
C1D NAD F . 0.32 -3.66 -24.93
N1N NAD F . -0.38 -2.76 -25.86
C2N NAD F . -1.56 -3.34 -26.24
C3N NAD F . -2.11 -2.85 -27.28
C7N NAD F . -3.34 -3.30 -27.89
O7N NAD F . -3.65 -2.65 -28.89
N7N NAD F . -4.08 -4.35 -27.40
C4N NAD F . -1.57 -1.68 -28.06
C5N NAD F . -0.37 -1.15 -27.52
C6N NAD F . 0.28 -1.64 -26.42
#